data_1CUN
#
_entry.id   1CUN
#
_cell.length_a   126.341
_cell.length_b   201.145
_cell.length_c   94.765
_cell.angle_alpha   90.00
_cell.angle_beta   90.00
_cell.angle_gamma   90.00
#
_symmetry.space_group_name_H-M   'C 2 2 21'
#
loop_
_entity.id
_entity.type
_entity.pdbx_description
1 polymer 'PROTEIN (ALPHA SPECTRIN)'
2 water water
#
_entity_poly.entity_id   1
_entity_poly.type   'polypeptide(L)'
_entity_poly.pdbx_seq_one_letter_code
;MVHQFFRDMDDEESWIKEKKLLVSSEDYGRDLTGVQNLRKKHKRLEAELAAHEPAIQSVLDTGKKLSDDNTIGKEEIQQR
LAQFVDHWKELKQLAAARGQRLEESLEYQQFVANVEEEEAWINEKMTLVASEDYGDTLAAIQGLLKKHEAFETDFTVHKD
RVNDVCANGEDLIKKNNHHVENITAKMKGLKGKVSDLEKAAAQRKAKLDENSA
;
_entity_poly.pdbx_strand_id   A,B,C
#
# COMPACT_ATOMS: atom_id res chain seq x y z
N MET A 1 14.35 11.37 27.52
CA MET A 1 13.55 12.60 27.21
C MET A 1 14.44 13.50 26.37
N VAL A 2 15.41 14.17 26.99
CA VAL A 2 16.35 14.98 26.23
C VAL A 2 17.29 14.00 25.50
N HIS A 3 17.51 12.82 26.10
CA HIS A 3 18.37 11.81 25.46
C HIS A 3 17.68 11.28 24.20
N GLN A 4 16.40 10.96 24.29
CA GLN A 4 15.66 10.44 23.14
C GLN A 4 15.54 11.55 22.08
N PHE A 5 15.31 12.79 22.53
CA PHE A 5 15.22 13.94 21.64
C PHE A 5 16.46 14.02 20.75
N PHE A 6 17.65 13.92 21.33
CA PHE A 6 18.87 14.02 20.54
C PHE A 6 19.08 12.79 19.66
N ARG A 7 18.67 11.61 20.13
CA ARG A 7 18.81 10.44 19.28
C ARG A 7 17.89 10.58 18.05
N ASP A 8 16.67 11.07 18.27
CA ASP A 8 15.73 11.25 17.16
C ASP A 8 16.20 12.33 16.20
N MET A 9 16.69 13.44 16.75
CA MET A 9 17.18 14.48 15.88
C MET A 9 18.35 13.99 15.05
N ASP A 10 19.30 13.26 15.65
CA ASP A 10 20.43 12.77 14.89
C ASP A 10 19.98 11.82 13.81
N ASP A 11 19.05 10.93 14.13
CA ASP A 11 18.56 9.97 13.15
C ASP A 11 17.88 10.69 11.97
N GLU A 12 17.04 11.68 12.27
CA GLU A 12 16.39 12.40 11.17
C GLU A 12 17.40 13.17 10.33
N GLU A 13 18.39 13.80 10.97
CA GLU A 13 19.41 14.54 10.22
C GLU A 13 20.23 13.63 9.29
N SER A 14 20.46 12.38 9.72
CA SER A 14 21.21 11.44 8.87
C SER A 14 20.36 11.16 7.64
N TRP A 15 19.06 10.94 7.86
CA TRP A 15 18.13 10.66 6.78
C TRP A 15 18.11 11.85 5.81
N ILE A 16 17.96 13.05 6.36
CA ILE A 16 17.92 14.27 5.57
C ILE A 16 19.15 14.39 4.67
N LYS A 17 20.32 14.16 5.25
CA LYS A 17 21.57 14.25 4.52
C LYS A 17 21.58 13.27 3.34
N GLU A 18 21.00 12.09 3.55
CA GLU A 18 20.96 11.07 2.52
C GLU A 18 19.99 11.48 1.41
N LYS A 19 18.85 12.05 1.78
CA LYS A 19 17.87 12.49 0.80
C LYS A 19 18.40 13.71 0.02
N LYS A 20 19.19 14.55 0.68
CA LYS A 20 19.76 15.73 0.07
C LYS A 20 20.65 15.37 -1.11
N LEU A 21 21.43 14.31 -0.96
CA LEU A 21 22.30 13.88 -2.03
C LEU A 21 21.46 13.28 -3.16
N LEU A 22 20.37 12.61 -2.83
CA LEU A 22 19.49 12.04 -3.86
C LEU A 22 18.82 13.12 -4.70
N VAL A 23 18.46 14.24 -4.07
CA VAL A 23 17.80 15.31 -4.79
C VAL A 23 18.82 16.23 -5.46
N SER A 24 20.10 15.92 -5.29
CA SER A 24 21.17 16.71 -5.88
C SER A 24 21.53 16.18 -7.26
N SER A 25 20.86 15.12 -7.66
CA SER A 25 21.09 14.52 -8.96
C SER A 25 20.78 15.55 -10.04
N GLU A 26 21.61 15.61 -11.07
CA GLU A 26 21.36 16.52 -12.17
C GLU A 26 20.98 15.72 -13.43
N ASP A 27 20.40 14.54 -13.20
CA ASP A 27 19.96 13.70 -14.29
C ASP A 27 18.52 14.12 -14.60
N TYR A 28 18.31 14.66 -15.79
CA TYR A 28 16.98 15.07 -16.20
C TYR A 28 16.40 14.20 -17.30
N GLY A 29 17.11 13.13 -17.65
CA GLY A 29 16.60 12.21 -18.66
C GLY A 29 17.07 12.53 -20.07
N ARG A 30 17.14 11.50 -20.90
CA ARG A 30 17.60 11.63 -22.27
C ARG A 30 16.49 11.80 -23.30
N ASP A 31 15.27 11.41 -22.94
CA ASP A 31 14.15 11.50 -23.85
C ASP A 31 12.86 11.57 -23.03
N LEU A 32 11.73 11.67 -23.73
CA LEU A 32 10.43 11.78 -23.09
C LEU A 32 10.15 10.67 -22.05
N THR A 33 10.29 9.41 -22.46
CA THR A 33 10.01 8.31 -21.53
C THR A 33 10.94 8.42 -20.33
N GLY A 34 12.21 8.73 -20.60
CA GLY A 34 13.20 8.89 -19.54
C GLY A 34 12.81 9.92 -18.49
N VAL A 35 12.39 11.11 -18.93
CA VAL A 35 11.98 12.16 -18.00
C VAL A 35 10.69 11.76 -17.26
N GLN A 36 9.75 11.14 -17.98
CA GLN A 36 8.52 10.69 -17.35
C GLN A 36 8.83 9.70 -16.22
N ASN A 37 9.82 8.82 -16.42
CA ASN A 37 10.18 7.85 -15.39
C ASN A 37 10.80 8.57 -14.19
N LEU A 38 11.64 9.58 -14.46
CA LEU A 38 12.28 10.32 -13.37
C LEU A 38 11.26 11.12 -12.55
N ARG A 39 10.21 11.62 -13.18
CA ARG A 39 9.18 12.39 -12.47
C ARG A 39 8.39 11.45 -11.55
N LYS A 40 8.10 10.23 -12.01
CA LYS A 40 7.41 9.24 -11.18
C LYS A 40 8.31 8.97 -9.95
N LYS A 41 9.60 8.78 -10.19
CA LYS A 41 10.56 8.53 -9.14
C LYS A 41 10.66 9.72 -8.17
N HIS A 42 10.67 10.93 -8.71
CA HIS A 42 10.74 12.11 -7.85
C HIS A 42 9.47 12.22 -6.98
N LYS A 43 8.31 11.88 -7.55
CA LYS A 43 7.07 11.93 -6.79
C LYS A 43 7.08 10.92 -5.64
N ARG A 44 7.78 9.80 -5.82
CA ARG A 44 7.86 8.82 -4.75
C ARG A 44 8.76 9.40 -3.65
N LEU A 45 9.78 10.16 -4.03
CA LEU A 45 10.65 10.78 -3.04
C LEU A 45 9.89 11.86 -2.25
N GLU A 46 9.05 12.63 -2.94
CA GLU A 46 8.27 13.67 -2.27
C GLU A 46 7.30 13.03 -1.25
N ALA A 47 6.83 11.82 -1.54
CA ALA A 47 5.92 11.14 -0.62
C ALA A 47 6.74 10.69 0.59
N GLU A 48 7.99 10.32 0.35
CA GLU A 48 8.85 9.92 1.44
C GLU A 48 9.13 11.11 2.36
N LEU A 49 9.32 12.31 1.78
CA LEU A 49 9.55 13.50 2.59
C LEU A 49 8.32 13.76 3.46
N ALA A 50 7.15 13.65 2.82
CA ALA A 50 5.88 13.85 3.51
C ALA A 50 5.69 12.83 4.63
N ALA A 51 6.20 11.63 4.42
CA ALA A 51 6.10 10.57 5.42
C ALA A 51 6.94 10.87 6.67
N HIS A 52 8.03 11.63 6.51
CA HIS A 52 8.89 11.98 7.63
C HIS A 52 8.50 13.29 8.30
N GLU A 53 7.62 14.06 7.66
CA GLU A 53 7.18 15.34 8.20
C GLU A 53 6.77 15.23 9.67
N PRO A 54 5.88 14.28 10.02
CA PRO A 54 5.47 14.14 11.42
C PRO A 54 6.60 13.90 12.42
N ALA A 55 7.55 13.02 12.07
CA ALA A 55 8.68 12.74 12.96
C ALA A 55 9.54 14.00 13.11
N ILE A 56 9.66 14.77 12.03
CA ILE A 56 10.45 16.01 12.06
C ILE A 56 9.79 17.00 13.01
N GLN A 57 8.48 17.18 12.86
CA GLN A 57 7.71 18.11 13.68
C GLN A 57 7.71 17.68 15.16
N SER A 58 7.80 16.38 15.42
CA SER A 58 7.81 15.90 16.81
C SER A 58 9.08 16.35 17.49
N VAL A 59 10.18 16.36 16.74
CA VAL A 59 11.47 16.79 17.26
C VAL A 59 11.43 18.29 17.54
N LEU A 60 10.79 19.04 16.64
CA LEU A 60 10.67 20.48 16.83
C LEU A 60 9.79 20.77 18.05
N ASP A 61 8.68 20.07 18.16
CA ASP A 61 7.78 20.27 19.29
C ASP A 61 8.46 19.89 20.60
N THR A 62 9.24 18.81 20.60
CA THR A 62 9.93 18.41 21.81
C THR A 62 11.02 19.43 22.11
N GLY A 63 11.67 19.93 21.07
CA GLY A 63 12.70 20.91 21.26
C GLY A 63 12.13 22.19 21.85
N LYS A 64 10.94 22.57 21.43
CA LYS A 64 10.33 23.78 21.94
C LYS A 64 9.97 23.63 23.40
N LYS A 65 9.43 22.48 23.77
CA LYS A 65 9.07 22.25 25.16
C LYS A 65 10.31 22.26 26.05
N LEU A 66 11.42 21.68 25.55
CA LEU A 66 12.65 21.64 26.32
C LEU A 66 13.16 23.06 26.55
N SER A 67 13.08 23.88 25.52
CA SER A 67 13.53 25.27 25.59
C SER A 67 12.64 26.12 26.51
N ASP A 68 11.33 25.90 26.42
CA ASP A 68 10.40 26.66 27.25
C ASP A 68 10.46 26.22 28.70
N ASP A 69 11.02 25.04 28.96
CA ASP A 69 11.15 24.53 30.31
C ASP A 69 12.50 24.93 30.91
N ASN A 70 13.26 25.72 30.14
CA ASN A 70 14.58 26.17 30.56
C ASN A 70 15.52 25.03 30.97
N THR A 71 15.45 23.94 30.22
CA THR A 71 16.29 22.77 30.46
C THR A 71 17.75 23.23 30.45
N ILE A 72 18.58 22.68 31.33
CA ILE A 72 19.99 23.05 31.34
C ILE A 72 20.59 22.52 30.05
N GLY A 73 21.27 23.38 29.31
CA GLY A 73 21.85 23.01 28.04
C GLY A 73 20.98 23.63 26.95
N LYS A 74 20.09 24.49 27.40
CA LYS A 74 19.14 25.22 26.57
C LYS A 74 19.75 25.85 25.31
N GLU A 75 20.92 26.43 25.44
CA GLU A 75 21.55 27.06 24.29
C GLU A 75 21.99 26.04 23.24
N GLU A 76 22.57 24.92 23.67
CA GLU A 76 22.99 23.91 22.71
C GLU A 76 21.75 23.36 22.01
N ILE A 77 20.66 23.23 22.76
CA ILE A 77 19.42 22.72 22.21
C ILE A 77 18.90 23.67 21.13
N GLN A 78 18.83 24.96 21.43
CA GLN A 78 18.36 25.94 20.46
C GLN A 78 19.22 26.00 19.21
N GLN A 79 20.54 25.93 19.35
CA GLN A 79 21.41 25.97 18.18
C GLN A 79 21.21 24.71 17.34
N ARG A 80 21.08 23.56 18.00
CA ARG A 80 20.87 22.32 17.27
C ARG A 80 19.53 22.37 16.53
N LEU A 81 18.50 22.89 17.19
CA LEU A 81 17.19 23.01 16.57
C LEU A 81 17.22 23.90 15.32
N ALA A 82 17.96 24.99 15.38
CA ALA A 82 18.06 25.91 14.25
C ALA A 82 18.86 25.28 13.12
N GLN A 83 19.86 24.47 13.46
CA GLN A 83 20.63 23.80 12.42
C GLN A 83 19.74 22.73 11.78
N PHE A 84 18.94 22.04 12.60
CA PHE A 84 18.03 20.98 12.17
C PHE A 84 16.98 21.54 11.19
N VAL A 85 16.31 22.60 11.61
CA VAL A 85 15.33 23.27 10.79
C VAL A 85 15.95 23.70 9.46
N ASP A 86 17.19 24.19 9.52
CA ASP A 86 17.92 24.64 8.34
C ASP A 86 18.17 23.50 7.35
N HIS A 87 18.61 22.35 7.85
CA HIS A 87 18.84 21.18 7.01
C HIS A 87 17.53 20.73 6.36
N TRP A 88 16.44 20.79 7.11
CA TRP A 88 15.13 20.38 6.60
C TRP A 88 14.63 21.35 5.53
N LYS A 89 14.70 22.65 5.80
CA LYS A 89 14.25 23.65 4.82
C LYS A 89 15.05 23.50 3.54
N GLU A 90 16.36 23.33 3.69
CA GLU A 90 17.25 23.16 2.56
C GLU A 90 16.84 21.94 1.71
N LEU A 91 16.58 20.82 2.38
CA LEU A 91 16.19 19.62 1.67
C LEU A 91 14.91 19.91 0.86
N LYS A 92 13.92 20.47 1.53
CA LYS A 92 12.65 20.77 0.88
C LYS A 92 12.80 21.70 -0.33
N GLN A 93 13.72 22.66 -0.22
CA GLN A 93 13.97 23.61 -1.29
C GLN A 93 14.65 22.90 -2.48
N LEU A 94 15.62 22.04 -2.19
CA LEU A 94 16.29 21.30 -3.23
C LEU A 94 15.30 20.36 -3.92
N ALA A 95 14.47 19.66 -3.14
CA ALA A 95 13.51 18.75 -3.75
C ALA A 95 12.52 19.51 -4.65
N ALA A 96 12.08 20.69 -4.19
CA ALA A 96 11.15 21.48 -4.98
C ALA A 96 11.87 21.93 -6.26
N ALA A 97 13.12 22.33 -6.13
CA ALA A 97 13.92 22.78 -7.25
C ALA A 97 14.05 21.67 -8.31
N ARG A 98 14.49 20.48 -7.90
CA ARG A 98 14.63 19.39 -8.86
C ARG A 98 13.27 19.08 -9.50
N GLY A 99 12.20 19.12 -8.72
CA GLY A 99 10.89 18.85 -9.27
C GLY A 99 10.57 19.83 -10.40
N GLN A 100 11.00 21.08 -10.22
CA GLN A 100 10.77 22.12 -11.21
C GLN A 100 11.66 21.91 -12.43
N ARG A 101 12.93 21.57 -12.22
CA ARG A 101 13.82 21.33 -13.33
C ARG A 101 13.32 20.13 -14.16
N LEU A 102 12.70 19.15 -13.50
CA LEU A 102 12.19 17.98 -14.22
C LEU A 102 10.96 18.34 -15.07
N GLU A 103 10.18 19.31 -14.60
CA GLU A 103 9.01 19.74 -15.34
C GLU A 103 9.45 20.48 -16.58
N GLU A 104 10.54 21.23 -16.45
CA GLU A 104 11.11 21.95 -17.58
C GLU A 104 11.64 20.91 -18.57
N SER A 105 12.35 19.90 -18.05
CA SER A 105 12.87 18.84 -18.91
C SER A 105 11.75 18.11 -19.65
N LEU A 106 10.62 17.92 -18.96
CA LEU A 106 9.47 17.25 -19.57
C LEU A 106 8.92 18.06 -20.77
N GLU A 107 8.79 19.38 -20.58
CA GLU A 107 8.31 20.25 -21.65
C GLU A 107 9.29 20.19 -22.83
N TYR A 108 10.58 20.22 -22.52
CA TYR A 108 11.59 20.16 -23.56
C TYR A 108 11.60 18.83 -24.34
N GLN A 109 11.48 17.71 -23.63
CA GLN A 109 11.49 16.42 -24.31
C GLN A 109 10.19 16.22 -25.08
N GLN A 110 9.09 16.84 -24.64
CA GLN A 110 7.84 16.73 -25.39
C GLN A 110 8.04 17.45 -26.74
N PHE A 111 8.65 18.64 -26.71
CA PHE A 111 8.94 19.41 -27.93
C PHE A 111 9.87 18.57 -28.85
N VAL A 112 10.94 18.01 -28.29
CA VAL A 112 11.84 17.18 -29.09
C VAL A 112 11.05 16.01 -29.71
N ALA A 113 10.17 15.39 -28.93
CA ALA A 113 9.38 14.26 -29.46
C ALA A 113 8.39 14.73 -30.53
N ASN A 114 7.78 15.89 -30.31
CA ASN A 114 6.81 16.41 -31.26
C ASN A 114 7.47 16.75 -32.60
N VAL A 115 8.69 17.30 -32.54
CA VAL A 115 9.41 17.64 -33.75
C VAL A 115 9.72 16.38 -34.54
N GLU A 116 10.10 15.31 -33.86
CA GLU A 116 10.39 14.07 -34.57
C GLU A 116 9.13 13.49 -35.21
N GLU A 117 8.00 13.54 -34.51
CA GLU A 117 6.76 13.02 -35.08
C GLU A 117 6.38 13.77 -36.38
N GLU A 118 6.53 15.10 -36.37
CA GLU A 118 6.18 15.87 -37.56
C GLU A 118 7.20 15.64 -38.68
N GLU A 119 8.48 15.63 -38.34
CA GLU A 119 9.49 15.39 -39.36
C GLU A 119 9.40 14.01 -40.00
N ALA A 120 9.06 12.98 -39.22
CA ALA A 120 8.95 11.64 -39.79
C ALA A 120 7.78 11.62 -40.78
N TRP A 121 6.68 12.29 -40.42
CA TRP A 121 5.53 12.32 -41.32
C TRP A 121 5.92 13.04 -42.61
N ILE A 122 6.60 14.17 -42.48
CA ILE A 122 7.02 14.95 -43.64
C ILE A 122 8.00 14.15 -44.51
N ASN A 123 8.95 13.49 -43.88
CA ASN A 123 9.89 12.70 -44.63
C ASN A 123 9.18 11.61 -45.46
N GLU A 124 8.17 10.96 -44.90
CA GLU A 124 7.53 9.92 -45.69
C GLU A 124 6.71 10.49 -46.84
N LYS A 125 6.10 11.66 -46.63
CA LYS A 125 5.30 12.27 -47.68
C LYS A 125 6.17 12.88 -48.78
N MET A 126 7.37 13.33 -48.41
CA MET A 126 8.30 13.89 -49.39
C MET A 126 8.60 12.84 -50.44
N THR A 127 8.78 11.60 -50.00
CA THR A 127 9.09 10.49 -50.91
C THR A 127 7.86 10.18 -51.77
N LEU A 128 6.70 10.19 -51.15
CA LEU A 128 5.46 9.93 -51.88
C LEU A 128 5.27 10.99 -52.96
N VAL A 129 5.37 12.26 -52.57
CA VAL A 129 5.19 13.35 -53.51
C VAL A 129 6.25 13.45 -54.60
N ALA A 130 7.41 12.81 -54.40
CA ALA A 130 8.46 12.85 -55.43
C ALA A 130 8.26 11.75 -56.49
N SER A 131 7.15 11.03 -56.39
CA SER A 131 6.84 9.98 -57.36
C SER A 131 6.95 10.50 -58.79
N GLU A 132 7.47 9.64 -59.66
CA GLU A 132 7.65 9.97 -61.06
C GLU A 132 6.45 9.55 -61.90
N ASP A 133 5.50 8.86 -61.26
CA ASP A 133 4.29 8.40 -61.94
C ASP A 133 3.24 9.50 -62.02
N TYR A 134 3.05 10.03 -63.22
CA TYR A 134 2.06 11.09 -63.43
C TYR A 134 0.82 10.60 -64.17
N GLY A 135 0.61 9.28 -64.16
CA GLY A 135 -0.55 8.71 -64.83
C GLY A 135 -0.33 8.38 -66.30
N ASP A 136 -0.63 7.14 -66.69
CA ASP A 136 -0.46 6.72 -68.08
C ASP A 136 -1.75 6.81 -68.92
N THR A 137 -2.88 7.10 -68.28
CA THR A 137 -4.15 7.28 -68.98
C THR A 137 -4.85 8.46 -68.31
N LEU A 138 -5.78 9.08 -69.01
CA LEU A 138 -6.51 10.19 -68.43
C LEU A 138 -7.27 9.77 -67.17
N ALA A 139 -7.83 8.55 -67.18
CA ALA A 139 -8.56 8.04 -66.03
C ALA A 139 -7.61 7.84 -64.85
N ALA A 140 -6.39 7.36 -65.14
CA ALA A 140 -5.40 7.15 -64.08
C ALA A 140 -5.06 8.48 -63.40
N ILE A 141 -5.01 9.56 -64.18
CA ILE A 141 -4.66 10.86 -63.63
C ILE A 141 -5.73 11.32 -62.63
N GLN A 142 -6.99 11.02 -62.91
CA GLN A 142 -8.03 11.40 -61.99
C GLN A 142 -7.79 10.72 -60.63
N GLY A 143 -7.34 9.46 -60.66
CA GLY A 143 -7.07 8.75 -59.42
C GLY A 143 -5.96 9.41 -58.62
N LEU A 144 -4.89 9.80 -59.31
CA LEU A 144 -3.75 10.45 -58.66
C LEU A 144 -4.15 11.82 -58.11
N LEU A 145 -4.95 12.55 -58.87
CA LEU A 145 -5.41 13.88 -58.46
C LEU A 145 -6.26 13.79 -57.17
N LYS A 146 -7.12 12.79 -57.07
CA LYS A 146 -7.93 12.67 -55.87
C LYS A 146 -7.05 12.27 -54.68
N LYS A 147 -6.02 11.47 -54.93
CA LYS A 147 -5.11 11.06 -53.87
C LYS A 147 -4.27 12.26 -53.42
N HIS A 148 -3.93 13.13 -54.36
CA HIS A 148 -3.16 14.31 -54.03
C HIS A 148 -4.03 15.21 -53.14
N GLU A 149 -5.31 15.31 -53.50
CA GLU A 149 -6.25 16.12 -52.73
C GLU A 149 -6.31 15.59 -51.29
N ALA A 150 -6.44 14.27 -51.15
CA ALA A 150 -6.50 13.66 -49.82
C ALA A 150 -5.22 14.02 -49.03
N PHE A 151 -4.08 13.99 -49.71
CA PHE A 151 -2.82 14.36 -49.07
C PHE A 151 -2.81 15.81 -48.58
N GLU A 152 -3.24 16.74 -49.42
CA GLU A 152 -3.25 18.15 -49.06
C GLU A 152 -4.13 18.38 -47.83
N THR A 153 -5.28 17.72 -47.79
CA THR A 153 -6.16 17.85 -46.63
C THR A 153 -5.40 17.45 -45.36
N ASP A 154 -4.70 16.33 -45.41
CA ASP A 154 -3.92 15.88 -44.24
C ASP A 154 -2.73 16.83 -43.96
N PHE A 155 -2.10 17.32 -45.02
CA PHE A 155 -0.96 18.26 -44.90
C PHE A 155 -1.42 19.55 -44.18
N THR A 156 -2.62 20.03 -44.49
CA THR A 156 -3.13 21.23 -43.84
C THR A 156 -3.23 21.03 -42.32
N VAL A 157 -3.64 19.85 -41.89
CA VAL A 157 -3.70 19.55 -40.45
C VAL A 157 -2.28 19.57 -39.87
N HIS A 158 -1.32 18.93 -40.55
CA HIS A 158 0.05 18.90 -40.06
C HIS A 158 0.71 20.28 -40.06
N LYS A 159 0.34 21.15 -41.00
CA LYS A 159 0.91 22.50 -41.02
C LYS A 159 0.52 23.25 -39.75
N ASP A 160 -0.70 23.02 -39.30
CA ASP A 160 -1.21 23.65 -38.08
C ASP A 160 -0.50 23.06 -36.84
N ARG A 161 -0.26 21.74 -36.85
CA ARG A 161 0.47 21.11 -35.74
C ARG A 161 1.90 21.64 -35.69
N VAL A 162 2.52 21.86 -36.86
CA VAL A 162 3.88 22.38 -36.86
C VAL A 162 3.87 23.79 -36.25
N ASN A 163 2.88 24.62 -36.59
CA ASN A 163 2.84 25.96 -36.02
C ASN A 163 2.79 25.87 -34.49
N ASP A 164 1.98 24.95 -33.97
CA ASP A 164 1.87 24.76 -32.52
C ASP A 164 3.18 24.31 -31.90
N VAL A 165 3.88 23.35 -32.54
CA VAL A 165 5.17 22.91 -32.02
C VAL A 165 6.15 24.09 -31.98
N CYS A 166 6.11 24.94 -32.99
CA CYS A 166 7.02 26.10 -33.02
C CYS A 166 6.65 27.14 -31.95
N ALA A 167 5.36 27.32 -31.70
CA ALA A 167 4.92 28.28 -30.67
C ALA A 167 5.42 27.74 -29.33
N ASN A 168 5.36 26.44 -29.18
CA ASN A 168 5.83 25.79 -27.95
C ASN A 168 7.34 26.01 -27.78
N GLY A 169 8.10 25.84 -28.85
CA GLY A 169 9.54 26.06 -28.75
C GLY A 169 9.88 27.51 -28.38
N GLU A 170 9.13 28.45 -28.95
CA GLU A 170 9.35 29.85 -28.68
C GLU A 170 9.10 30.10 -27.19
N ASP A 171 8.07 29.46 -26.65
CA ASP A 171 7.76 29.61 -25.23
C ASP A 171 8.84 29.02 -24.34
N LEU A 172 9.43 27.90 -24.73
CA LEU A 172 10.49 27.31 -23.91
C LEU A 172 11.68 28.26 -23.85
N ILE A 173 12.01 28.86 -24.99
CA ILE A 173 13.12 29.79 -25.09
C ILE A 173 12.91 31.04 -24.24
N LYS A 174 11.66 31.48 -24.17
CA LYS A 174 11.32 32.67 -23.40
C LYS A 174 11.45 32.39 -21.89
N LYS A 175 11.00 31.22 -21.45
CA LYS A 175 11.08 30.88 -20.02
C LYS A 175 12.53 30.87 -19.51
N ASN A 176 13.47 30.57 -20.42
CA ASN A 176 14.90 30.58 -20.10
C ASN A 176 15.76 30.14 -21.29
N ASN A 177 17.08 30.12 -21.12
CA ASN A 177 17.96 29.76 -22.23
C ASN A 177 18.51 28.35 -22.34
N HIS A 178 17.81 27.38 -21.78
CA HIS A 178 18.29 26.01 -21.85
C HIS A 178 18.01 25.42 -23.22
N HIS A 179 19.04 24.87 -23.84
CA HIS A 179 18.90 24.27 -25.16
C HIS A 179 18.42 25.29 -26.21
N VAL A 180 18.70 26.57 -26.01
CA VAL A 180 18.24 27.58 -26.95
C VAL A 180 18.70 27.30 -28.38
N GLU A 181 19.96 26.93 -28.53
CA GLU A 181 20.51 26.66 -29.86
C GLU A 181 19.81 25.51 -30.56
N ASN A 182 19.61 24.41 -29.85
CA ASN A 182 18.97 23.23 -30.40
C ASN A 182 17.50 23.54 -30.73
N ILE A 183 16.82 24.22 -29.82
CA ILE A 183 15.41 24.54 -30.05
C ILE A 183 15.21 25.43 -31.27
N THR A 184 16.05 26.46 -31.40
CA THR A 184 15.94 27.41 -32.51
C THR A 184 16.19 26.71 -33.84
N ALA A 185 17.24 25.88 -33.88
CA ALA A 185 17.58 25.16 -35.09
C ALA A 185 16.51 24.14 -35.47
N LYS A 186 15.90 23.49 -34.49
CA LYS A 186 14.86 22.52 -34.82
C LYS A 186 13.62 23.19 -35.36
N MET A 187 13.26 24.35 -34.83
CA MET A 187 12.09 25.06 -35.35
C MET A 187 12.40 25.50 -36.79
N LYS A 188 13.58 26.09 -37.01
CA LYS A 188 13.93 26.51 -38.37
C LYS A 188 13.94 25.30 -39.32
N GLY A 189 14.49 24.17 -38.86
CA GLY A 189 14.54 22.98 -39.67
C GLY A 189 13.15 22.47 -40.02
N LEU A 190 12.26 22.44 -39.02
CA LEU A 190 10.91 21.97 -39.24
C LEU A 190 10.15 22.86 -40.24
N LYS A 191 10.25 24.17 -40.09
CA LYS A 191 9.56 25.10 -41.00
C LYS A 191 10.14 24.91 -42.42
N GLY A 192 11.44 24.66 -42.49
CA GLY A 192 12.10 24.45 -43.78
C GLY A 192 11.60 23.19 -44.46
N LYS A 193 11.32 22.14 -43.66
CA LYS A 193 10.80 20.90 -44.24
C LYS A 193 9.36 21.10 -44.71
N VAL A 194 8.56 21.88 -43.98
CA VAL A 194 7.18 22.14 -44.42
C VAL A 194 7.24 22.91 -45.75
N SER A 195 8.15 23.90 -45.85
CA SER A 195 8.27 24.68 -47.10
C SER A 195 8.72 23.81 -48.27
N ASP A 196 9.65 22.90 -48.01
CA ASP A 196 10.14 21.99 -49.05
C ASP A 196 9.02 21.06 -49.53
N LEU A 197 8.18 20.58 -48.62
CA LEU A 197 7.09 19.72 -49.02
C LEU A 197 6.00 20.53 -49.78
N GLU A 198 5.79 21.79 -49.41
CA GLU A 198 4.80 22.61 -50.11
C GLU A 198 5.28 22.81 -51.55
N LYS A 199 6.59 23.03 -51.71
CA LYS A 199 7.14 23.22 -53.04
C LYS A 199 7.02 21.94 -53.85
N ALA A 200 7.38 20.82 -53.24
CA ALA A 200 7.34 19.56 -53.94
C ALA A 200 5.90 19.19 -54.33
N ALA A 201 4.97 19.44 -53.42
CA ALA A 201 3.55 19.13 -53.66
C ALA A 201 2.99 19.95 -54.81
N ALA A 202 3.33 21.24 -54.84
CA ALA A 202 2.86 22.13 -55.87
C ALA A 202 3.39 21.67 -57.22
N GLN A 203 4.65 21.26 -57.24
CA GLN A 203 5.24 20.78 -58.49
C GLN A 203 4.56 19.53 -59.01
N ARG A 204 4.22 18.61 -58.10
CA ARG A 204 3.55 17.40 -58.53
C ARG A 204 2.12 17.70 -59.02
N LYS A 205 1.41 18.57 -58.32
CA LYS A 205 0.03 18.94 -58.71
C LYS A 205 0.04 19.56 -60.10
N ALA A 206 1.02 20.42 -60.36
CA ALA A 206 1.17 21.09 -61.65
C ALA A 206 1.40 20.07 -62.76
N LYS A 207 2.26 19.08 -62.51
CA LYS A 207 2.53 18.04 -63.51
C LYS A 207 1.28 17.22 -63.83
N LEU A 208 0.54 16.84 -62.78
CA LEU A 208 -0.67 16.05 -62.97
C LEU A 208 -1.70 16.78 -63.82
N ASP A 209 -1.91 18.06 -63.55
CA ASP A 209 -2.88 18.82 -64.32
C ASP A 209 -2.41 18.99 -65.75
N GLU A 210 -1.12 19.27 -65.93
CA GLU A 210 -0.56 19.42 -67.26
C GLU A 210 -0.87 18.15 -68.05
N ASN A 211 -0.59 17.03 -67.42
CA ASN A 211 -0.81 15.71 -68.00
C ASN A 211 -2.27 15.41 -68.41
N SER A 212 -3.23 15.87 -67.62
CA SER A 212 -4.65 15.60 -67.91
C SER A 212 -5.35 16.65 -68.75
N ALA A 213 -4.70 17.79 -68.95
CA ALA A 213 -5.29 18.86 -69.72
C ALA A 213 -4.62 18.97 -71.09
N MET B 1 -27.73 -19.60 3.96
CA MET B 1 -27.39 -18.74 5.13
C MET B 1 -26.50 -19.43 6.19
N VAL B 2 -27.08 -20.48 6.79
CA VAL B 2 -26.44 -21.24 7.85
C VAL B 2 -25.15 -21.95 7.56
N HIS B 3 -25.06 -22.62 6.42
CA HIS B 3 -23.83 -23.33 6.07
C HIS B 3 -22.64 -22.39 5.90
N GLN B 4 -22.86 -21.27 5.21
CA GLN B 4 -21.76 -20.36 4.96
C GLN B 4 -21.37 -19.67 6.24
N PHE B 5 -22.36 -19.43 7.12
CA PHE B 5 -22.13 -18.83 8.41
C PHE B 5 -21.13 -19.69 9.21
N PHE B 6 -21.36 -21.00 9.28
CA PHE B 6 -20.44 -21.87 10.05
C PHE B 6 -19.09 -21.99 9.36
N ARG B 7 -19.08 -21.95 8.03
CA ARG B 7 -17.80 -22.01 7.36
C ARG B 7 -17.01 -20.71 7.66
N ASP B 8 -17.69 -19.56 7.58
CA ASP B 8 -17.00 -18.30 7.86
C ASP B 8 -16.52 -18.23 9.31
N MET B 9 -17.35 -18.70 10.23
CA MET B 9 -16.99 -18.67 11.64
C MET B 9 -15.77 -19.53 11.90
N ASP B 10 -15.75 -20.73 11.36
CA ASP B 10 -14.59 -21.62 11.53
C ASP B 10 -13.35 -20.98 10.91
N ASP B 11 -13.47 -20.34 9.74
CA ASP B 11 -12.31 -19.72 9.13
C ASP B 11 -11.78 -18.54 9.98
N GLU B 12 -12.69 -17.72 10.53
CA GLU B 12 -12.25 -16.60 11.36
C GLU B 12 -11.61 -17.11 12.66
N GLU B 13 -12.17 -18.16 13.25
CA GLU B 13 -11.59 -18.70 14.47
C GLU B 13 -10.16 -19.20 14.23
N SER B 14 -9.89 -19.72 13.02
CA SER B 14 -8.54 -20.18 12.68
C SER B 14 -7.60 -18.96 12.58
N TRP B 15 -8.10 -17.88 11.98
CA TRP B 15 -7.33 -16.66 11.84
C TRP B 15 -7.02 -16.12 13.25
N ILE B 16 -8.05 -16.04 14.09
CA ILE B 16 -7.90 -15.55 15.46
C ILE B 16 -6.90 -16.38 16.25
N LYS B 17 -7.05 -17.70 16.20
CA LYS B 17 -6.17 -18.59 16.92
C LYS B 17 -4.70 -18.41 16.48
N GLU B 18 -4.49 -18.11 15.21
CA GLU B 18 -3.13 -17.91 14.73
C GLU B 18 -2.54 -16.59 15.24
N LYS B 19 -3.33 -15.52 15.19
CA LYS B 19 -2.85 -14.24 15.69
C LYS B 19 -2.63 -14.32 17.20
N LYS B 20 -3.43 -15.15 17.87
CA LYS B 20 -3.31 -15.33 19.32
C LYS B 20 -1.98 -15.96 19.65
N LEU B 21 -1.64 -17.00 18.91
CA LEU B 21 -0.40 -17.69 19.14
C LEU B 21 0.78 -16.74 18.87
N LEU B 22 0.65 -15.88 17.85
CA LEU B 22 1.69 -14.91 17.53
C LEU B 22 1.87 -13.87 18.63
N VAL B 23 0.77 -13.35 19.14
CA VAL B 23 0.80 -12.32 20.15
C VAL B 23 1.21 -12.89 21.52
N SER B 24 1.39 -14.20 21.58
CA SER B 24 1.80 -14.85 22.81
C SER B 24 3.30 -14.81 23.04
N SER B 25 4.03 -14.18 22.11
CA SER B 25 5.46 -14.06 22.22
C SER B 25 5.89 -13.44 23.54
N GLU B 26 6.95 -14.00 24.11
CA GLU B 26 7.52 -13.50 25.36
C GLU B 26 8.77 -12.66 25.08
N ASP B 27 9.04 -12.43 23.80
CA ASP B 27 10.20 -11.65 23.40
C ASP B 27 9.95 -10.14 23.55
N TYR B 28 10.69 -9.48 24.45
CA TYR B 28 10.52 -8.04 24.64
C TYR B 28 11.75 -7.22 24.24
N GLY B 29 12.73 -7.85 23.59
CA GLY B 29 13.90 -7.12 23.16
C GLY B 29 15.06 -7.16 24.14
N ARG B 30 16.27 -7.07 23.61
CA ARG B 30 17.49 -7.10 24.42
C ARG B 30 18.10 -5.72 24.59
N ASP B 31 17.77 -4.81 23.70
CA ASP B 31 18.28 -3.45 23.81
C ASP B 31 17.27 -2.49 23.20
N LEU B 32 17.59 -1.20 23.21
CA LEU B 32 16.67 -0.17 22.69
C LEU B 32 16.24 -0.41 21.26
N THR B 33 17.20 -0.60 20.36
CA THR B 33 16.88 -0.84 18.95
C THR B 33 15.95 -2.04 18.83
N GLY B 34 16.30 -3.11 19.54
CA GLY B 34 15.49 -4.31 19.54
C GLY B 34 14.03 -4.05 19.96
N VAL B 35 13.82 -3.30 21.05
CA VAL B 35 12.44 -3.03 21.49
C VAL B 35 11.72 -2.20 20.44
N GLN B 36 12.39 -1.18 19.91
CA GLN B 36 11.78 -0.33 18.90
C GLN B 36 11.36 -1.17 17.69
N ASN B 37 12.19 -2.14 17.28
CA ASN B 37 11.82 -3.00 16.13
C ASN B 37 10.57 -3.87 16.46
N LEU B 38 10.47 -4.37 17.69
CA LEU B 38 9.33 -5.19 18.09
C LEU B 38 8.04 -4.34 18.22
N ARG B 39 8.16 -3.08 18.57
CA ARG B 39 6.97 -2.22 18.69
C ARG B 39 6.41 -1.89 17.28
N LYS B 40 7.31 -1.72 16.30
CA LYS B 40 6.88 -1.45 14.92
C LYS B 40 6.11 -2.66 14.42
N LYS B 41 6.63 -3.84 14.75
CA LYS B 41 5.99 -5.08 14.33
C LYS B 41 4.65 -5.25 15.05
N HIS B 42 4.62 -4.88 16.32
CA HIS B 42 3.40 -5.00 17.09
C HIS B 42 2.34 -4.02 16.55
N LYS B 43 2.75 -2.82 16.17
CA LYS B 43 1.77 -1.87 15.63
C LYS B 43 1.17 -2.39 14.32
N ARG B 44 1.96 -3.12 13.53
CA ARG B 44 1.44 -3.67 12.29
C ARG B 44 0.34 -4.69 12.60
N LEU B 45 0.53 -5.44 13.69
CA LEU B 45 -0.49 -6.42 14.07
C LEU B 45 -1.73 -5.72 14.60
N GLU B 46 -1.56 -4.64 15.34
CA GLU B 46 -2.70 -3.89 15.84
C GLU B 46 -3.52 -3.33 14.66
N ALA B 47 -2.83 -2.92 13.58
CA ALA B 47 -3.52 -2.39 12.39
C ALA B 47 -4.32 -3.53 11.71
N GLU B 48 -3.73 -4.73 11.68
CA GLU B 48 -4.42 -5.87 11.09
C GLU B 48 -5.68 -6.19 11.89
N LEU B 49 -5.60 -6.10 13.21
CA LEU B 49 -6.79 -6.38 14.01
C LEU B 49 -7.91 -5.38 13.66
N ALA B 50 -7.56 -4.11 13.56
CA ALA B 50 -8.53 -3.06 13.22
C ALA B 50 -9.12 -3.32 11.83
N ALA B 51 -8.27 -3.74 10.89
CA ALA B 51 -8.72 -4.01 9.52
C ALA B 51 -9.62 -5.23 9.43
N HIS B 52 -9.50 -6.13 10.40
CA HIS B 52 -10.29 -7.36 10.39
C HIS B 52 -11.65 -7.25 11.10
N GLU B 53 -11.80 -6.20 11.93
CA GLU B 53 -13.03 -5.99 12.69
C GLU B 53 -14.33 -6.18 11.90
N PRO B 54 -14.44 -5.51 10.74
CA PRO B 54 -15.66 -5.66 9.94
C PRO B 54 -15.99 -7.11 9.61
N ALA B 55 -14.95 -7.91 9.30
CA ALA B 55 -15.16 -9.34 8.98
C ALA B 55 -15.68 -10.11 10.19
N ILE B 56 -15.13 -9.83 11.37
CA ILE B 56 -15.59 -10.48 12.58
C ILE B 56 -17.05 -10.08 12.82
N GLN B 57 -17.32 -8.77 12.76
CA GLN B 57 -18.66 -8.26 13.01
C GLN B 57 -19.69 -8.86 12.06
N SER B 58 -19.31 -9.04 10.80
CA SER B 58 -20.19 -9.62 9.80
C SER B 58 -20.70 -11.02 10.18
N VAL B 59 -19.83 -11.84 10.77
CA VAL B 59 -20.23 -13.17 11.24
C VAL B 59 -21.22 -12.98 12.39
N LEU B 60 -20.88 -12.09 13.31
CA LEU B 60 -21.74 -11.81 14.45
C LEU B 60 -23.11 -11.34 13.99
N ASP B 61 -23.16 -10.46 12.99
CA ASP B 61 -24.44 -9.96 12.53
C ASP B 61 -25.30 -11.10 11.93
N THR B 62 -24.67 -11.95 11.13
CA THR B 62 -25.38 -13.07 10.52
C THR B 62 -25.92 -14.01 11.59
N GLY B 63 -25.09 -14.28 12.58
CA GLY B 63 -25.50 -15.13 13.68
C GLY B 63 -26.73 -14.58 14.40
N LYS B 64 -26.79 -13.26 14.55
CA LYS B 64 -27.94 -12.63 15.23
C LYS B 64 -29.20 -12.81 14.40
N LYS B 65 -29.07 -12.58 13.10
CA LYS B 65 -30.19 -12.74 12.18
C LYS B 65 -30.69 -14.21 12.24
N LEU B 66 -29.78 -15.17 12.27
CA LEU B 66 -30.14 -16.58 12.35
C LEU B 66 -30.82 -16.90 13.69
N SER B 67 -30.30 -16.31 14.76
CA SER B 67 -30.84 -16.51 16.08
C SER B 67 -32.26 -15.91 16.19
N ASP B 68 -32.41 -14.69 15.67
CA ASP B 68 -33.70 -14.03 15.71
C ASP B 68 -34.78 -14.70 14.88
N ASP B 69 -34.41 -15.31 13.75
CA ASP B 69 -35.40 -15.96 12.89
C ASP B 69 -35.71 -17.38 13.37
N ASN B 70 -35.37 -17.64 14.62
CA ASN B 70 -35.58 -18.94 15.24
C ASN B 70 -35.23 -20.10 14.31
N THR B 71 -34.14 -19.98 13.55
CA THR B 71 -33.78 -21.08 12.66
C THR B 71 -33.55 -22.26 13.59
N ILE B 72 -33.77 -23.48 13.09
CA ILE B 72 -33.62 -24.65 13.94
C ILE B 72 -32.15 -24.96 14.18
N GLY B 73 -31.81 -25.12 15.45
CA GLY B 73 -30.43 -25.38 15.84
C GLY B 73 -29.91 -24.10 16.49
N LYS B 74 -30.86 -23.27 16.91
CA LYS B 74 -30.64 -21.97 17.56
C LYS B 74 -29.66 -22.04 18.73
N GLU B 75 -29.76 -23.09 19.55
CA GLU B 75 -28.87 -23.26 20.70
C GLU B 75 -27.41 -23.47 20.33
N GLU B 76 -27.15 -24.27 19.29
CA GLU B 76 -25.79 -24.49 18.86
C GLU B 76 -25.24 -23.18 18.28
N ILE B 77 -26.09 -22.45 17.57
CA ILE B 77 -25.67 -21.18 16.99
C ILE B 77 -25.30 -20.18 18.07
N GLN B 78 -26.13 -20.08 19.11
CA GLN B 78 -25.84 -19.17 20.21
C GLN B 78 -24.58 -19.56 20.99
N GLN B 79 -24.38 -20.86 21.21
CA GLN B 79 -23.19 -21.31 21.93
C GLN B 79 -21.91 -21.10 21.12
N ARG B 80 -21.98 -21.31 19.82
CA ARG B 80 -20.83 -21.12 18.95
C ARG B 80 -20.47 -19.62 18.84
N LEU B 81 -21.49 -18.75 18.82
CA LEU B 81 -21.27 -17.32 18.75
C LEU B 81 -20.60 -16.78 20.03
N ALA B 82 -21.09 -17.21 21.19
CA ALA B 82 -20.55 -16.77 22.47
C ALA B 82 -19.09 -17.22 22.58
N GLN B 83 -18.81 -18.37 21.99
CA GLN B 83 -17.47 -18.92 21.99
C GLN B 83 -16.59 -18.05 21.06
N PHE B 84 -17.15 -17.70 19.90
CA PHE B 84 -16.45 -16.88 18.91
C PHE B 84 -16.14 -15.51 19.51
N VAL B 85 -17.13 -14.89 20.14
CA VAL B 85 -16.94 -13.59 20.77
C VAL B 85 -15.84 -13.63 21.81
N ASP B 86 -15.85 -14.66 22.67
CA ASP B 86 -14.81 -14.78 23.69
C ASP B 86 -13.41 -14.89 23.08
N HIS B 87 -13.26 -15.63 21.98
CA HIS B 87 -11.94 -15.76 21.34
C HIS B 87 -11.43 -14.42 20.79
N TRP B 88 -12.32 -13.67 20.15
CA TRP B 88 -11.96 -12.35 19.59
C TRP B 88 -11.57 -11.41 20.74
N LYS B 89 -12.33 -11.46 21.83
CA LYS B 89 -12.03 -10.61 22.98
C LYS B 89 -10.72 -11.01 23.60
N GLU B 90 -10.50 -12.31 23.73
CA GLU B 90 -9.26 -12.80 24.29
C GLU B 90 -8.07 -12.35 23.45
N LEU B 91 -8.20 -12.41 22.12
CA LEU B 91 -7.12 -11.97 21.25
C LEU B 91 -6.80 -10.48 21.47
N LYS B 92 -7.84 -9.65 21.47
CA LYS B 92 -7.65 -8.23 21.66
C LYS B 92 -7.02 -7.92 23.02
N GLN B 93 -7.38 -8.67 24.05
CA GLN B 93 -6.80 -8.44 25.38
C GLN B 93 -5.34 -8.86 25.44
N LEU B 94 -5.01 -9.97 24.79
CA LEU B 94 -3.64 -10.47 24.74
C LEU B 94 -2.75 -9.48 23.95
N ALA B 95 -3.28 -8.95 22.85
CA ALA B 95 -2.55 -7.98 22.04
C ALA B 95 -2.29 -6.70 22.82
N ALA B 96 -3.31 -6.22 23.53
CA ALA B 96 -3.16 -5.01 24.33
C ALA B 96 -2.10 -5.22 25.42
N ALA B 97 -2.17 -6.37 26.08
CA ALA B 97 -1.22 -6.70 27.15
C ALA B 97 0.23 -6.73 26.62
N ARG B 98 0.44 -7.41 25.49
CA ARG B 98 1.79 -7.44 24.93
C ARG B 98 2.22 -6.02 24.57
N GLY B 99 1.29 -5.22 24.06
CA GLY B 99 1.62 -3.85 23.72
C GLY B 99 2.11 -3.07 24.92
N GLN B 100 1.42 -3.24 26.05
CA GLN B 100 1.79 -2.52 27.27
C GLN B 100 3.14 -3.03 27.81
N ARG B 101 3.38 -4.34 27.75
CA ARG B 101 4.65 -4.89 28.21
C ARG B 101 5.78 -4.33 27.33
N LEU B 102 5.54 -4.21 26.03
CA LEU B 102 6.54 -3.66 25.13
C LEU B 102 6.83 -2.19 25.46
N GLU B 103 5.83 -1.44 25.91
CA GLU B 103 6.06 -0.06 26.28
C GLU B 103 6.91 -0.01 27.54
N GLU B 104 6.68 -0.95 28.45
CA GLU B 104 7.46 -1.03 29.68
C GLU B 104 8.91 -1.36 29.27
N SER B 105 9.07 -2.29 28.34
CA SER B 105 10.40 -2.66 27.88
C SER B 105 11.09 -1.45 27.25
N LEU B 106 10.37 -0.69 26.43
CA LEU B 106 10.95 0.49 25.82
C LEU B 106 11.54 1.46 26.86
N GLU B 107 10.74 1.82 27.86
CA GLU B 107 11.18 2.73 28.93
C GLU B 107 12.42 2.19 29.62
N TYR B 108 12.41 0.91 29.94
CA TYR B 108 13.57 0.30 30.60
C TYR B 108 14.83 0.36 29.71
N GLN B 109 14.70 -0.02 28.45
CA GLN B 109 15.87 0.00 27.57
C GLN B 109 16.35 1.43 27.27
N GLN B 110 15.45 2.40 27.41
CA GLN B 110 15.83 3.78 27.20
C GLN B 110 16.72 4.17 28.36
N PHE B 111 16.30 3.79 29.57
CA PHE B 111 17.09 4.07 30.77
C PHE B 111 18.46 3.39 30.63
N VAL B 112 18.49 2.11 30.26
CA VAL B 112 19.78 1.42 30.10
C VAL B 112 20.66 2.11 29.05
N ALA B 113 20.08 2.55 27.94
CA ALA B 113 20.88 3.21 26.93
C ALA B 113 21.41 4.57 27.42
N ASN B 114 20.57 5.31 28.14
CA ASN B 114 20.96 6.62 28.65
C ASN B 114 22.09 6.49 29.67
N VAL B 115 22.02 5.46 30.52
CA VAL B 115 23.05 5.23 31.50
C VAL B 115 24.36 5.03 30.75
N GLU B 116 24.33 4.17 29.72
CA GLU B 116 25.54 3.91 28.96
C GLU B 116 26.05 5.17 28.27
N GLU B 117 25.15 6.03 27.77
CA GLU B 117 25.63 7.26 27.13
C GLU B 117 26.41 8.14 28.14
N GLU B 118 25.84 8.32 29.34
CA GLU B 118 26.49 9.14 30.34
C GLU B 118 27.79 8.51 30.86
N GLU B 119 27.80 7.20 31.10
CA GLU B 119 29.02 6.58 31.58
C GLU B 119 30.16 6.62 30.54
N ALA B 120 29.81 6.43 29.27
CA ALA B 120 30.82 6.48 28.21
C ALA B 120 31.44 7.88 28.19
N TRP B 121 30.60 8.90 28.35
CA TRP B 121 31.11 10.28 28.32
C TRP B 121 32.02 10.51 29.53
N ILE B 122 31.58 10.10 30.70
CA ILE B 122 32.37 10.27 31.92
C ILE B 122 33.70 9.54 31.80
N ASN B 123 33.67 8.30 31.33
CA ASN B 123 34.90 7.52 31.17
C ASN B 123 35.89 8.21 30.26
N GLU B 124 35.42 8.75 29.14
CA GLU B 124 36.37 9.43 28.28
C GLU B 124 36.88 10.74 28.92
N LYS B 125 36.03 11.48 29.62
CA LYS B 125 36.51 12.71 30.27
C LYS B 125 37.45 12.42 31.44
N MET B 126 37.23 11.31 32.14
CA MET B 126 38.09 10.91 33.26
C MET B 126 39.54 10.79 32.78
N THR B 127 39.76 10.22 31.60
CA THR B 127 41.13 10.08 31.15
C THR B 127 41.71 11.46 30.77
N LEU B 128 40.91 12.32 30.13
CA LEU B 128 41.41 13.65 29.76
C LEU B 128 41.83 14.45 31.00
N VAL B 129 40.96 14.45 31.99
CA VAL B 129 41.18 15.15 33.25
C VAL B 129 42.35 14.57 34.05
N ALA B 130 42.68 13.30 33.79
CA ALA B 130 43.78 12.66 34.50
C ALA B 130 45.14 13.16 33.98
N SER B 131 45.15 13.85 32.85
CA SER B 131 46.38 14.35 32.26
C SER B 131 47.22 15.23 33.19
N GLU B 132 48.52 14.98 33.19
CA GLU B 132 49.44 15.75 34.03
C GLU B 132 50.24 16.81 33.27
N ASP B 133 49.83 17.09 32.04
CA ASP B 133 50.49 18.13 31.26
C ASP B 133 49.77 19.44 31.59
N TYR B 134 50.38 20.23 32.46
CA TYR B 134 49.77 21.49 32.90
C TYR B 134 50.18 22.73 32.10
N GLY B 135 51.00 22.56 31.09
CA GLY B 135 51.41 23.70 30.31
C GLY B 135 52.90 23.71 30.05
N ASP B 136 53.32 24.51 29.09
CA ASP B 136 54.73 24.59 28.72
C ASP B 136 55.11 26.05 28.55
N THR B 137 54.26 26.81 27.88
CA THR B 137 54.48 28.22 27.64
C THR B 137 53.34 29.03 28.22
N LEU B 138 53.46 30.35 28.16
CA LEU B 138 52.45 31.26 28.67
C LEU B 138 51.21 31.20 27.78
N ALA B 139 51.34 30.52 26.65
CA ALA B 139 50.21 30.41 25.72
C ALA B 139 49.64 28.99 25.68
N ALA B 140 50.45 28.01 26.02
CA ALA B 140 49.99 26.62 26.03
C ALA B 140 49.11 26.41 27.25
N ILE B 141 49.52 27.03 28.35
CA ILE B 141 48.79 26.93 29.61
C ILE B 141 47.43 27.61 29.47
N GLN B 142 47.37 28.68 28.71
CA GLN B 142 46.10 29.36 28.51
C GLN B 142 45.20 28.51 27.62
N GLY B 143 45.82 27.72 26.75
CA GLY B 143 45.07 26.84 25.86
C GLY B 143 44.40 25.73 26.65
N LEU B 144 45.13 25.17 27.61
CA LEU B 144 44.62 24.12 28.46
C LEU B 144 43.46 24.61 29.31
N LEU B 145 43.57 25.85 29.80
CA LEU B 145 42.53 26.47 30.63
C LEU B 145 41.26 26.65 29.81
N LYS B 146 41.45 27.10 28.57
CA LYS B 146 40.33 27.33 27.69
C LYS B 146 39.56 26.02 27.49
N LYS B 147 40.30 24.93 27.29
CA LYS B 147 39.67 23.64 27.09
C LYS B 147 39.05 23.09 28.36
N HIS B 148 39.65 23.36 29.51
CA HIS B 148 39.05 22.86 30.75
C HIS B 148 37.75 23.62 31.02
N GLU B 149 37.75 24.90 30.67
CA GLU B 149 36.58 25.74 30.85
C GLU B 149 35.41 25.25 29.99
N ALA B 150 35.70 24.84 28.75
CA ALA B 150 34.66 24.34 27.87
C ALA B 150 34.12 23.05 28.50
N PHE B 151 35.04 22.22 29.01
CA PHE B 151 34.67 20.97 29.66
C PHE B 151 33.77 21.19 30.88
N GLU B 152 34.09 22.18 31.71
CA GLU B 152 33.25 22.46 32.89
C GLU B 152 31.83 22.80 32.51
N THR B 153 31.65 23.51 31.40
CA THR B 153 30.31 23.84 30.97
C THR B 153 29.61 22.57 30.49
N ASP B 154 30.31 21.72 29.75
CA ASP B 154 29.72 20.47 29.28
C ASP B 154 29.36 19.54 30.46
N PHE B 155 30.24 19.50 31.46
CA PHE B 155 30.02 18.65 32.64
C PHE B 155 28.78 19.17 33.38
N THR B 156 28.55 20.48 33.34
CA THR B 156 27.38 21.02 34.03
C THR B 156 26.13 20.45 33.41
N VAL B 157 26.12 20.33 32.09
CA VAL B 157 24.96 19.78 31.39
C VAL B 157 24.79 18.31 31.71
N HIS B 158 25.89 17.56 31.62
CA HIS B 158 25.81 16.14 31.91
C HIS B 158 25.39 15.84 33.36
N LYS B 159 25.75 16.70 34.30
CA LYS B 159 25.32 16.45 35.69
C LYS B 159 23.80 16.50 35.74
N ASP B 160 23.22 17.45 35.02
CA ASP B 160 21.77 17.58 35.00
C ASP B 160 21.17 16.37 34.29
N ARG B 161 21.78 15.95 33.19
CA ARG B 161 21.26 14.78 32.48
C ARG B 161 21.35 13.52 33.35
N VAL B 162 22.44 13.37 34.12
CA VAL B 162 22.55 12.22 35.00
C VAL B 162 21.41 12.33 36.02
N ASN B 163 21.13 13.53 36.47
CA ASN B 163 20.02 13.65 37.41
C ASN B 163 18.69 13.23 36.78
N ASP B 164 18.45 13.61 35.53
CA ASP B 164 17.20 13.19 34.90
C ASP B 164 17.18 11.68 34.71
N VAL B 165 18.32 11.09 34.38
CA VAL B 165 18.38 9.65 34.23
C VAL B 165 18.04 8.95 35.55
N CYS B 166 18.54 9.48 36.67
CA CYS B 166 18.21 8.88 37.94
C CYS B 166 16.74 9.06 38.31
N ALA B 167 16.16 10.21 37.95
CA ALA B 167 14.73 10.46 38.22
C ALA B 167 13.91 9.45 37.42
N ASN B 168 14.31 9.22 36.17
CA ASN B 168 13.61 8.26 35.35
C ASN B 168 13.73 6.86 35.99
N GLY B 169 14.92 6.51 36.47
CA GLY B 169 15.11 5.22 37.10
C GLY B 169 14.22 5.00 38.32
N GLU B 170 14.10 6.01 39.19
CA GLU B 170 13.23 5.81 40.32
C GLU B 170 11.76 5.74 39.89
N ASP B 171 11.40 6.37 38.77
CA ASP B 171 10.01 6.27 38.30
C ASP B 171 9.74 4.86 37.82
N LEU B 172 10.71 4.24 37.15
CA LEU B 172 10.53 2.88 36.67
C LEU B 172 10.34 1.95 37.86
N ILE B 173 11.14 2.15 38.91
CA ILE B 173 11.01 1.30 40.08
C ILE B 173 9.63 1.48 40.74
N LYS B 174 9.12 2.71 40.75
CA LYS B 174 7.81 2.95 41.36
C LYS B 174 6.65 2.39 40.54
N LYS B 175 6.74 2.48 39.21
CA LYS B 175 5.64 2.04 38.36
C LYS B 175 5.52 0.57 38.01
N ASN B 176 6.60 -0.21 38.06
CA ASN B 176 6.47 -1.63 37.71
C ASN B 176 7.28 -2.60 38.54
N ASN B 177 8.27 -2.11 39.28
CA ASN B 177 9.07 -2.97 40.13
C ASN B 177 9.88 -4.08 39.42
N HIS B 178 10.13 -3.95 38.13
CA HIS B 178 10.92 -4.95 37.39
C HIS B 178 12.37 -4.47 37.29
N HIS B 179 13.33 -5.39 37.30
CA HIS B 179 14.75 -5.01 37.23
C HIS B 179 15.13 -4.03 38.32
N VAL B 180 14.45 -4.07 39.47
CA VAL B 180 14.74 -3.12 40.53
C VAL B 180 16.21 -3.11 40.97
N GLU B 181 16.78 -4.29 41.19
CA GLU B 181 18.17 -4.36 41.64
C GLU B 181 19.12 -3.75 40.61
N ASN B 182 18.93 -4.09 39.33
CA ASN B 182 19.80 -3.57 38.28
C ASN B 182 19.65 -2.06 38.17
N ILE B 183 18.42 -1.57 38.22
CA ILE B 183 18.18 -0.13 38.12
C ILE B 183 18.80 0.64 39.29
N THR B 184 18.60 0.12 40.49
CA THR B 184 19.12 0.73 41.71
C THR B 184 20.65 0.84 41.65
N ALA B 185 21.32 -0.26 41.30
CA ALA B 185 22.78 -0.27 41.21
C ALA B 185 23.29 0.67 40.12
N LYS B 186 22.63 0.66 38.98
CA LYS B 186 23.07 1.55 37.90
C LYS B 186 22.99 3.02 38.29
N MET B 187 21.95 3.42 39.00
CA MET B 187 21.83 4.80 39.43
C MET B 187 22.93 5.13 40.46
N LYS B 188 23.18 4.19 41.37
CA LYS B 188 24.21 4.38 42.39
C LYS B 188 25.57 4.49 41.70
N GLY B 189 25.82 3.60 40.75
CA GLY B 189 27.09 3.59 40.03
C GLY B 189 27.34 4.88 39.25
N LEU B 190 26.27 5.37 38.61
CA LEU B 190 26.35 6.58 37.82
C LEU B 190 26.66 7.81 38.67
N LYS B 191 25.98 7.92 39.83
CA LYS B 191 26.22 9.05 40.73
C LYS B 191 27.65 8.94 41.25
N GLY B 192 28.13 7.71 41.42
CA GLY B 192 29.48 7.50 41.89
C GLY B 192 30.47 7.99 40.85
N LYS B 193 30.18 7.74 39.58
CA LYS B 193 31.08 8.19 38.51
C LYS B 193 31.09 9.71 38.38
N VAL B 194 29.96 10.36 38.60
CA VAL B 194 29.94 11.82 38.54
C VAL B 194 30.80 12.37 39.68
N SER B 195 30.64 11.80 40.87
CA SER B 195 31.42 12.23 42.02
C SER B 195 32.93 12.10 41.76
N ASP B 196 33.34 10.96 41.20
CA ASP B 196 34.74 10.70 40.90
C ASP B 196 35.30 11.69 39.88
N LEU B 197 34.50 12.03 38.88
CA LEU B 197 34.91 12.98 37.87
C LEU B 197 34.97 14.40 38.48
N GLU B 198 34.04 14.72 39.38
CA GLU B 198 34.07 16.04 40.01
C GLU B 198 35.38 16.18 40.76
N LYS B 199 35.73 15.15 41.50
CA LYS B 199 36.96 15.16 42.29
C LYS B 199 38.21 15.26 41.40
N ALA B 200 38.29 14.41 40.37
CA ALA B 200 39.45 14.45 39.49
C ALA B 200 39.53 15.76 38.70
N ALA B 201 38.38 16.30 38.31
CA ALA B 201 38.34 17.55 37.55
C ALA B 201 38.86 18.71 38.40
N ALA B 202 38.46 18.75 39.66
CA ALA B 202 38.91 19.81 40.56
C ALA B 202 40.44 19.72 40.79
N GLN B 203 40.98 18.51 40.87
CA GLN B 203 42.43 18.34 41.07
C GLN B 203 43.17 18.87 39.86
N ARG B 204 42.63 18.59 38.68
CA ARG B 204 43.22 19.04 37.43
C ARG B 204 43.16 20.57 37.36
N LYS B 205 41.99 21.12 37.65
CA LYS B 205 41.77 22.55 37.61
C LYS B 205 42.72 23.27 38.59
N ALA B 206 42.92 22.69 39.77
CA ALA B 206 43.82 23.28 40.75
C ALA B 206 45.22 23.41 40.19
N LYS B 207 45.72 22.33 39.60
CA LYS B 207 47.05 22.33 39.01
C LYS B 207 47.16 23.32 37.89
N LEU B 208 46.15 23.42 37.04
CA LEU B 208 46.19 24.38 35.94
C LEU B 208 46.24 25.82 36.50
N ASP B 209 45.38 26.12 37.48
CA ASP B 209 45.35 27.44 38.09
C ASP B 209 46.68 27.78 38.78
N GLU B 210 47.17 26.84 39.57
CA GLU B 210 48.44 27.02 40.30
C GLU B 210 49.60 27.26 39.34
N ASN B 211 49.65 26.48 38.26
CA ASN B 211 50.72 26.62 37.28
C ASN B 211 50.63 27.91 36.50
N SER B 212 49.43 28.49 36.38
CA SER B 212 49.28 29.73 35.62
C SER B 212 49.41 31.01 36.45
N ALA B 213 49.42 30.89 37.77
CA ALA B 213 49.52 32.05 38.66
C ALA B 213 50.92 32.68 38.81
N MET C 1 -0.20 20.61 -27.17
CA MET C 1 -1.14 19.82 -26.34
C MET C 1 -1.72 18.63 -27.10
N VAL C 2 -1.96 18.82 -28.41
CA VAL C 2 -2.54 17.77 -29.24
C VAL C 2 -1.65 16.52 -29.35
N HIS C 3 -0.33 16.71 -29.49
CA HIS C 3 0.62 15.58 -29.59
C HIS C 3 0.60 14.72 -28.32
N GLN C 4 0.67 15.35 -27.16
CA GLN C 4 0.67 14.62 -25.90
C GLN C 4 -0.69 13.96 -25.67
N PHE C 5 -1.76 14.64 -26.09
CA PHE C 5 -3.10 14.08 -25.96
C PHE C 5 -3.18 12.76 -26.74
N PHE C 6 -2.67 12.72 -27.97
CA PHE C 6 -2.74 11.47 -28.72
C PHE C 6 -1.86 10.37 -28.11
N ARG C 7 -0.73 10.75 -27.54
CA ARG C 7 0.14 9.77 -26.90
C ARG C 7 -0.55 9.21 -25.66
N ASP C 8 -1.14 10.07 -24.85
CA ASP C 8 -1.83 9.60 -23.65
C ASP C 8 -3.03 8.74 -23.98
N MET C 9 -3.78 9.12 -25.01
CA MET C 9 -4.95 8.35 -25.39
C MET C 9 -4.51 6.97 -25.91
N ASP C 10 -3.44 6.93 -26.68
CA ASP C 10 -2.95 5.64 -27.19
C ASP C 10 -2.53 4.75 -26.03
N ASP C 11 -1.80 5.29 -25.08
CA ASP C 11 -1.36 4.50 -23.93
C ASP C 11 -2.54 3.98 -23.13
N GLU C 12 -3.52 4.84 -22.85
CA GLU C 12 -4.70 4.41 -22.10
C GLU C 12 -5.49 3.35 -22.87
N GLU C 13 -5.51 3.48 -24.18
CA GLU C 13 -6.24 2.56 -25.03
C GLU C 13 -5.62 1.16 -25.03
N SER C 14 -4.29 1.08 -25.09
CA SER C 14 -3.64 -0.21 -25.08
C SER C 14 -3.85 -0.85 -23.71
N TRP C 15 -3.86 -0.03 -22.68
CA TRP C 15 -4.09 -0.51 -21.31
C TRP C 15 -5.49 -1.13 -21.29
N ILE C 16 -6.49 -0.32 -21.64
CA ILE C 16 -7.88 -0.77 -21.69
C ILE C 16 -8.02 -2.09 -22.44
N LYS C 17 -7.30 -2.22 -23.55
CA LYS C 17 -7.36 -3.44 -24.33
C LYS C 17 -6.83 -4.65 -23.57
N GLU C 18 -5.82 -4.45 -22.76
CA GLU C 18 -5.26 -5.56 -22.00
C GLU C 18 -6.31 -6.05 -21.00
N LYS C 19 -6.78 -5.13 -20.17
CA LYS C 19 -7.78 -5.42 -19.18
C LYS C 19 -9.03 -6.02 -19.82
N LYS C 20 -9.43 -5.50 -20.97
CA LYS C 20 -10.59 -6.03 -21.66
C LYS C 20 -10.36 -7.52 -21.85
N LEU C 21 -9.16 -7.83 -22.36
CA LEU C 21 -8.75 -9.18 -22.63
C LEU C 21 -8.72 -10.08 -21.40
N LEU C 22 -8.19 -9.58 -20.29
CA LEU C 22 -8.16 -10.35 -19.06
C LEU C 22 -9.60 -10.67 -18.65
N VAL C 23 -10.39 -9.61 -18.49
CA VAL C 23 -11.78 -9.71 -18.07
C VAL C 23 -12.64 -10.60 -18.97
N SER C 24 -12.10 -11.03 -20.11
CA SER C 24 -12.85 -11.90 -21.02
C SER C 24 -12.69 -13.37 -20.64
N SER C 25 -11.98 -13.62 -19.56
CA SER C 25 -11.77 -14.98 -19.06
C SER C 25 -13.12 -15.65 -18.87
N GLU C 26 -13.20 -16.93 -19.19
CA GLU C 26 -14.45 -17.64 -18.99
C GLU C 26 -14.30 -18.66 -17.87
N ASP C 27 -13.31 -18.42 -17.00
CA ASP C 27 -13.09 -19.31 -15.87
C ASP C 27 -13.90 -18.85 -14.68
N TYR C 28 -14.83 -19.68 -14.22
CA TYR C 28 -15.64 -19.33 -13.07
C TYR C 28 -15.38 -20.22 -11.84
N GLY C 29 -14.34 -21.05 -11.91
CA GLY C 29 -13.95 -21.90 -10.79
C GLY C 29 -14.60 -23.28 -10.80
N ARG C 30 -13.96 -24.27 -10.17
CA ARG C 30 -14.49 -25.64 -10.12
C ARG C 30 -15.15 -25.99 -8.79
N ASP C 31 -14.87 -25.21 -7.75
CA ASP C 31 -15.46 -25.45 -6.45
C ASP C 31 -15.54 -24.12 -5.69
N LEU C 32 -16.03 -24.17 -4.45
CA LEU C 32 -16.24 -22.95 -3.66
C LEU C 32 -14.98 -22.12 -3.46
N THR C 33 -13.90 -22.77 -3.03
CA THR C 33 -12.65 -22.06 -2.80
C THR C 33 -12.19 -21.44 -4.12
N GLY C 34 -12.34 -22.19 -5.21
CA GLY C 34 -11.96 -21.69 -6.52
C GLY C 34 -12.68 -20.41 -6.91
N VAL C 35 -14.01 -20.36 -6.73
CA VAL C 35 -14.78 -19.16 -7.05
C VAL C 35 -14.37 -18.02 -6.13
N GLN C 36 -14.26 -18.32 -4.83
CA GLN C 36 -13.86 -17.31 -3.85
C GLN C 36 -12.54 -16.66 -4.22
N ASN C 37 -11.59 -17.45 -4.68
CA ASN C 37 -10.30 -16.92 -5.09
C ASN C 37 -10.44 -16.04 -6.33
N LEU C 38 -11.27 -16.46 -7.29
CA LEU C 38 -11.48 -15.66 -8.51
C LEU C 38 -12.21 -14.35 -8.17
N ARG C 39 -13.06 -14.36 -7.16
CA ARG C 39 -13.76 -13.14 -6.80
C ARG C 39 -12.82 -12.13 -6.12
N LYS C 40 -11.95 -12.62 -5.22
CA LYS C 40 -10.99 -11.74 -4.55
C LYS C 40 -10.25 -11.03 -5.65
N LYS C 41 -9.72 -11.82 -6.58
CA LYS C 41 -8.98 -11.32 -7.70
C LYS C 41 -9.79 -10.34 -8.53
N HIS C 42 -11.05 -10.65 -8.79
CA HIS C 42 -11.87 -9.75 -9.58
C HIS C 42 -12.07 -8.43 -8.85
N LYS C 43 -12.14 -8.48 -7.52
CA LYS C 43 -12.35 -7.27 -6.72
C LYS C 43 -11.15 -6.34 -6.85
N ARG C 44 -9.97 -6.93 -6.98
CA ARG C 44 -8.75 -6.16 -7.14
C ARG C 44 -8.89 -5.39 -8.45
N LEU C 45 -9.17 -6.11 -9.53
CA LEU C 45 -9.33 -5.49 -10.83
C LEU C 45 -10.38 -4.38 -10.82
N GLU C 46 -11.44 -4.55 -10.03
CA GLU C 46 -12.49 -3.53 -9.96
C GLU C 46 -12.00 -2.26 -9.26
N ALA C 47 -11.24 -2.43 -8.18
CA ALA C 47 -10.73 -1.28 -7.44
C ALA C 47 -9.72 -0.55 -8.33
N GLU C 48 -8.99 -1.33 -9.12
CA GLU C 48 -8.00 -0.81 -10.04
C GLU C 48 -8.65 0.12 -11.06
N LEU C 49 -9.64 -0.38 -11.79
CA LEU C 49 -10.33 0.43 -12.79
C LEU C 49 -10.80 1.71 -12.14
N ALA C 50 -11.13 1.63 -10.85
CA ALA C 50 -11.61 2.79 -10.11
C ALA C 50 -10.49 3.77 -9.80
N ALA C 51 -9.29 3.25 -9.54
CA ALA C 51 -8.16 4.11 -9.25
C ALA C 51 -7.42 4.46 -10.54
N HIS C 52 -8.11 4.28 -11.65
CA HIS C 52 -7.51 4.58 -12.95
C HIS C 52 -8.46 5.46 -13.75
N GLU C 53 -9.58 5.80 -13.11
CA GLU C 53 -10.60 6.63 -13.72
C GLU C 53 -10.11 8.06 -13.97
N PRO C 54 -9.35 8.64 -13.03
CA PRO C 54 -8.84 10.01 -13.20
C PRO C 54 -8.06 10.20 -14.49
N ALA C 55 -7.18 9.24 -14.82
CA ALA C 55 -6.38 9.33 -16.04
C ALA C 55 -7.24 9.30 -17.32
N ILE C 56 -8.29 8.48 -17.32
CA ILE C 56 -9.18 8.38 -18.46
C ILE C 56 -9.98 9.67 -18.58
N GLN C 57 -10.47 10.15 -17.43
CA GLN C 57 -11.25 11.38 -17.38
C GLN C 57 -10.39 12.57 -17.78
N SER C 58 -9.10 12.48 -17.47
CA SER C 58 -8.17 13.54 -17.80
C SER C 58 -8.06 13.64 -19.32
N VAL C 59 -8.08 12.50 -19.99
CA VAL C 59 -8.00 12.47 -21.45
C VAL C 59 -9.25 13.06 -22.08
N LEU C 60 -10.41 12.68 -21.56
CA LEU C 60 -11.69 13.18 -22.07
C LEU C 60 -11.75 14.70 -21.92
N ASP C 61 -11.25 15.21 -20.81
CA ASP C 61 -11.24 16.65 -20.56
C ASP C 61 -10.37 17.35 -21.59
N THR C 62 -9.17 16.83 -21.84
CA THR C 62 -8.30 17.45 -22.82
C THR C 62 -8.94 17.40 -24.21
N GLY C 63 -9.53 16.26 -24.54
CA GLY C 63 -10.19 16.12 -25.82
C GLY C 63 -11.26 17.17 -26.00
N LYS C 64 -12.05 17.39 -24.96
CA LYS C 64 -13.12 18.38 -24.97
C LYS C 64 -12.57 19.76 -25.25
N LYS C 65 -11.56 20.16 -24.47
CA LYS C 65 -10.91 21.45 -24.62
C LYS C 65 -10.32 21.64 -26.01
N LEU C 66 -9.66 20.60 -26.54
CA LEU C 66 -9.06 20.67 -27.86
C LEU C 66 -10.11 20.74 -28.95
N SER C 67 -11.19 19.98 -28.77
CA SER C 67 -12.27 19.95 -29.76
C SER C 67 -13.02 21.28 -29.77
N ASP C 68 -13.27 21.82 -28.58
CA ASP C 68 -14.00 23.08 -28.46
C ASP C 68 -13.26 24.22 -29.15
N ASP C 69 -11.98 24.36 -28.85
CA ASP C 69 -11.18 25.41 -29.46
C ASP C 69 -11.13 25.27 -30.97
N ASN C 70 -12.00 24.42 -31.51
CA ASN C 70 -12.09 24.17 -32.93
C ASN C 70 -10.74 24.09 -33.62
N THR C 71 -9.72 23.70 -32.86
CA THR C 71 -8.38 23.55 -33.42
C THR C 71 -8.52 22.69 -34.68
N ILE C 72 -7.75 22.99 -35.72
CA ILE C 72 -7.82 22.21 -36.95
C ILE C 72 -7.56 20.75 -36.64
N GLY C 73 -8.19 19.86 -37.41
CA GLY C 73 -8.03 18.45 -37.18
C GLY C 73 -9.07 18.00 -36.17
N LYS C 74 -10.06 18.85 -35.97
CA LYS C 74 -11.16 18.61 -35.03
C LYS C 74 -11.85 17.27 -35.27
N GLU C 75 -12.09 16.95 -36.52
CA GLU C 75 -12.74 15.70 -36.86
C GLU C 75 -11.99 14.46 -36.36
N GLU C 76 -10.67 14.45 -36.49
CA GLU C 76 -9.89 13.30 -36.05
C GLU C 76 -9.99 13.15 -34.53
N ILE C 77 -9.88 14.28 -33.83
CA ILE C 77 -9.96 14.28 -32.37
C ILE C 77 -11.30 13.71 -31.88
N GLN C 78 -12.39 14.07 -32.56
CA GLN C 78 -13.72 13.60 -32.18
C GLN C 78 -13.92 12.11 -32.42
N GLN C 79 -13.42 11.61 -33.56
CA GLN C 79 -13.55 10.19 -33.87
C GLN C 79 -12.71 9.34 -32.90
N ARG C 80 -11.49 9.81 -32.62
CA ARG C 80 -10.62 9.09 -31.70
C ARG C 80 -11.20 9.16 -30.29
N LEU C 81 -11.73 10.31 -29.91
CA LEU C 81 -12.32 10.48 -28.59
C LEU C 81 -13.52 9.56 -28.44
N ALA C 82 -14.30 9.44 -29.53
CA ALA C 82 -15.49 8.61 -29.54
C ALA C 82 -15.16 7.14 -29.36
N GLN C 83 -14.21 6.62 -30.15
CA GLN C 83 -13.88 5.22 -30.03
C GLN C 83 -13.23 4.94 -28.68
N PHE C 84 -12.60 5.96 -28.11
CA PHE C 84 -11.95 5.84 -26.81
C PHE C 84 -13.00 5.66 -25.73
N VAL C 85 -14.01 6.55 -25.75
CA VAL C 85 -15.09 6.50 -24.79
C VAL C 85 -15.81 5.15 -24.89
N ASP C 86 -15.95 4.63 -26.09
CA ASP C 86 -16.62 3.36 -26.25
C ASP C 86 -15.79 2.16 -25.78
N HIS C 87 -14.48 2.24 -25.94
CA HIS C 87 -13.61 1.15 -25.50
C HIS C 87 -13.67 1.07 -23.98
N TRP C 88 -13.79 2.23 -23.33
CA TRP C 88 -13.85 2.31 -21.88
C TRP C 88 -15.21 1.79 -21.37
N LYS C 89 -16.29 2.19 -22.04
CA LYS C 89 -17.61 1.72 -21.66
C LYS C 89 -17.67 0.21 -21.83
N GLU C 90 -17.09 -0.27 -22.93
CA GLU C 90 -17.06 -1.69 -23.21
C GLU C 90 -16.36 -2.46 -22.10
N LEU C 91 -15.21 -1.96 -21.66
CA LEU C 91 -14.45 -2.61 -20.58
C LEU C 91 -15.23 -2.63 -19.28
N LYS C 92 -15.83 -1.51 -18.90
CA LYS C 92 -16.58 -1.44 -17.65
C LYS C 92 -17.78 -2.40 -17.69
N GLN C 93 -18.34 -2.53 -18.89
CA GLN C 93 -19.48 -3.40 -19.16
C GLN C 93 -19.07 -4.89 -19.03
N LEU C 94 -17.95 -5.24 -19.64
CA LEU C 94 -17.45 -6.61 -19.59
C LEU C 94 -17.01 -7.00 -18.18
N ALA C 95 -16.38 -6.06 -17.47
CA ALA C 95 -15.93 -6.33 -16.11
C ALA C 95 -17.11 -6.58 -15.18
N ALA C 96 -18.14 -5.74 -15.30
CA ALA C 96 -19.33 -5.87 -14.47
C ALA C 96 -20.04 -7.18 -14.78
N ALA C 97 -20.00 -7.59 -16.04
CA ALA C 97 -20.65 -8.83 -16.41
C ALA C 97 -19.94 -10.02 -15.81
N ARG C 98 -18.61 -10.01 -15.82
CA ARG C 98 -17.88 -11.13 -15.25
C ARG C 98 -18.14 -11.16 -13.76
N GLY C 99 -18.13 -9.99 -13.11
CA GLY C 99 -18.38 -9.96 -11.68
C GLY C 99 -19.71 -10.62 -11.34
N GLN C 100 -20.71 -10.38 -12.18
CA GLN C 100 -22.04 -10.96 -12.01
C GLN C 100 -22.01 -12.48 -12.18
N ARG C 101 -21.36 -12.93 -13.26
CA ARG C 101 -21.22 -14.35 -13.52
C ARG C 101 -20.50 -15.06 -12.35
N LEU C 102 -19.46 -14.42 -11.80
CA LEU C 102 -18.73 -15.01 -10.69
C LEU C 102 -19.65 -15.09 -9.45
N GLU C 103 -20.55 -14.12 -9.35
CA GLU C 103 -21.52 -14.05 -8.25
C GLU C 103 -22.48 -15.28 -8.32
N GLU C 104 -22.87 -15.61 -9.55
CA GLU C 104 -23.75 -16.72 -9.82
C GLU C 104 -23.00 -18.02 -9.50
N SER C 105 -21.78 -18.10 -9.99
CA SER C 105 -20.91 -19.25 -9.76
C SER C 105 -20.76 -19.48 -8.24
N LEU C 106 -20.58 -18.40 -7.49
CA LEU C 106 -20.44 -18.51 -6.04
C LEU C 106 -21.67 -19.19 -5.40
N GLU C 107 -22.87 -18.70 -5.72
CA GLU C 107 -24.10 -19.28 -5.17
C GLU C 107 -24.23 -20.74 -5.57
N TYR C 108 -23.90 -21.03 -6.82
CA TYR C 108 -23.97 -22.40 -7.28
C TYR C 108 -22.98 -23.33 -6.53
N GLN C 109 -21.74 -22.89 -6.35
CA GLN C 109 -20.75 -23.71 -5.66
C GLN C 109 -21.02 -23.82 -4.18
N GLN C 110 -21.72 -22.84 -3.61
CA GLN C 110 -22.08 -22.90 -2.21
C GLN C 110 -23.15 -23.99 -2.11
N PHE C 111 -24.06 -24.03 -3.06
CA PHE C 111 -25.09 -25.07 -3.06
C PHE C 111 -24.45 -26.45 -3.18
N VAL C 112 -23.51 -26.60 -4.12
CA VAL C 112 -22.81 -27.88 -4.30
C VAL C 112 -22.07 -28.29 -3.01
N ALA C 113 -21.38 -27.33 -2.39
CA ALA C 113 -20.66 -27.60 -1.15
C ALA C 113 -21.61 -27.98 -0.01
N ASN C 114 -22.77 -27.32 0.06
CA ASN C 114 -23.77 -27.61 1.11
C ASN C 114 -24.34 -29.01 0.95
N VAL C 115 -24.63 -29.40 -0.29
CA VAL C 115 -25.15 -30.73 -0.56
C VAL C 115 -24.11 -31.77 -0.08
N GLU C 116 -22.84 -31.56 -0.38
CA GLU C 116 -21.81 -32.51 0.06
C GLU C 116 -21.71 -32.55 1.58
N GLU C 117 -21.77 -31.40 2.25
CA GLU C 117 -21.69 -31.44 3.71
C GLU C 117 -22.86 -32.27 4.27
N GLU C 118 -24.07 -32.08 3.73
CA GLU C 118 -25.23 -32.83 4.24
C GLU C 118 -25.14 -34.31 3.90
N GLU C 119 -24.73 -34.63 2.68
CA GLU C 119 -24.59 -36.04 2.31
C GLU C 119 -23.53 -36.77 3.12
N ALA C 120 -22.42 -36.10 3.39
CA ALA C 120 -21.34 -36.72 4.16
C ALA C 120 -21.85 -37.06 5.58
N TRP C 121 -22.56 -36.12 6.20
CA TRP C 121 -23.11 -36.34 7.53
C TRP C 121 -24.09 -37.54 7.47
N ILE C 122 -24.99 -37.53 6.49
CA ILE C 122 -25.95 -38.61 6.38
C ILE C 122 -25.28 -39.97 6.16
N ASN C 123 -24.25 -40.02 5.33
CA ASN C 123 -23.59 -41.29 5.08
C ASN C 123 -22.97 -41.84 6.36
N GLU C 124 -22.35 -40.97 7.15
CA GLU C 124 -21.75 -41.38 8.40
C GLU C 124 -22.81 -41.90 9.39
N LYS C 125 -23.95 -41.23 9.51
CA LYS C 125 -25.00 -41.68 10.42
C LYS C 125 -25.69 -42.99 9.96
N MET C 126 -25.79 -43.22 8.65
CA MET C 126 -26.39 -44.45 8.11
C MET C 126 -25.63 -45.66 8.64
N THR C 127 -24.32 -45.55 8.69
CA THR C 127 -23.50 -46.64 9.18
C THR C 127 -23.74 -46.86 10.67
N LEU C 128 -23.78 -45.78 11.45
CA LEU C 128 -24.03 -45.89 12.88
C LEU C 128 -25.39 -46.54 13.15
N VAL C 129 -26.41 -46.06 12.47
CA VAL C 129 -27.76 -46.56 12.62
C VAL C 129 -27.95 -47.99 12.14
N ALA C 130 -27.00 -48.50 11.37
CA ALA C 130 -27.09 -49.87 10.87
C ALA C 130 -26.55 -50.88 11.88
N SER C 131 -25.99 -50.39 12.98
CA SER C 131 -25.44 -51.27 14.00
C SER C 131 -26.53 -52.17 14.58
N GLU C 132 -26.14 -53.41 14.87
CA GLU C 132 -27.07 -54.38 15.43
C GLU C 132 -26.79 -54.67 16.89
N ASP C 133 -25.87 -53.92 17.48
CA ASP C 133 -25.54 -54.09 18.88
C ASP C 133 -26.57 -53.28 19.66
N TYR C 134 -27.45 -53.98 20.37
CA TYR C 134 -28.49 -53.31 21.13
C TYR C 134 -28.21 -53.25 22.63
N GLY C 135 -27.04 -53.75 23.02
CA GLY C 135 -26.66 -53.72 24.42
C GLY C 135 -26.85 -55.05 25.14
N ASP C 136 -25.78 -55.50 25.80
CA ASP C 136 -25.80 -56.75 26.55
C ASP C 136 -26.38 -56.53 27.94
N THR C 137 -25.72 -55.68 28.72
CA THR C 137 -26.18 -55.36 30.07
C THR C 137 -27.25 -54.26 30.03
N LEU C 138 -27.80 -53.96 31.19
CA LEU C 138 -28.83 -52.94 31.34
C LEU C 138 -28.20 -51.55 31.27
N ALA C 139 -26.89 -51.50 31.52
CA ALA C 139 -26.17 -50.24 31.49
C ALA C 139 -25.73 -49.91 30.06
N ALA C 140 -25.49 -50.95 29.28
CA ALA C 140 -25.07 -50.76 27.89
C ALA C 140 -26.25 -50.26 27.05
N ILE C 141 -27.40 -50.92 27.23
CA ILE C 141 -28.61 -50.57 26.50
C ILE C 141 -29.02 -49.10 26.63
N GLN C 142 -28.99 -48.57 27.84
CA GLN C 142 -29.37 -47.18 28.05
C GLN C 142 -28.29 -46.22 27.56
N GLY C 143 -27.06 -46.73 27.46
CA GLY C 143 -25.97 -45.91 26.96
C GLY C 143 -26.21 -45.70 25.48
N LEU C 144 -26.70 -46.76 24.83
CA LEU C 144 -27.01 -46.75 23.42
C LEU C 144 -28.23 -45.86 23.13
N LEU C 145 -29.23 -45.91 24.02
CA LEU C 145 -30.43 -45.10 23.84
C LEU C 145 -30.07 -43.63 23.95
N LYS C 146 -29.17 -43.31 24.87
CA LYS C 146 -28.72 -41.96 25.11
C LYS C 146 -28.05 -41.38 23.86
N LYS C 147 -27.20 -42.18 23.23
CA LYS C 147 -26.51 -41.75 22.02
C LYS C 147 -27.53 -41.57 20.88
N HIS C 148 -28.56 -42.40 20.86
CA HIS C 148 -29.54 -42.28 19.80
C HIS C 148 -30.38 -41.03 19.98
N GLU C 149 -30.71 -40.72 21.24
CA GLU C 149 -31.52 -39.53 21.50
C GLU C 149 -30.80 -38.27 21.05
N ALA C 150 -29.48 -38.23 21.24
CA ALA C 150 -28.71 -37.06 20.79
C ALA C 150 -28.69 -37.07 19.26
N PHE C 151 -28.58 -38.25 18.66
CA PHE C 151 -28.59 -38.35 17.21
C PHE C 151 -29.90 -37.76 16.66
N GLU C 152 -31.01 -38.09 17.33
CA GLU C 152 -32.33 -37.60 16.90
C GLU C 152 -32.42 -36.10 16.85
N THR C 153 -31.86 -35.43 17.86
CA THR C 153 -31.90 -33.98 17.89
C THR C 153 -31.03 -33.45 16.76
N ASP C 154 -29.87 -34.05 16.58
CA ASP C 154 -28.97 -33.63 15.51
C ASP C 154 -29.63 -33.83 14.13
N PHE C 155 -30.34 -34.94 13.97
CA PHE C 155 -31.00 -35.24 12.70
C PHE C 155 -32.08 -34.19 12.45
N THR C 156 -32.76 -33.75 13.51
CA THR C 156 -33.77 -32.72 13.38
C THR C 156 -33.17 -31.43 12.79
N VAL C 157 -31.98 -31.05 13.24
CA VAL C 157 -31.32 -29.85 12.70
C VAL C 157 -30.97 -30.09 11.23
N HIS C 158 -30.33 -31.23 10.93
CA HIS C 158 -29.96 -31.53 9.56
C HIS C 158 -31.15 -31.61 8.60
N LYS C 159 -32.31 -32.07 9.07
CA LYS C 159 -33.47 -32.10 8.17
C LYS C 159 -33.79 -30.67 7.78
N ASP C 160 -33.75 -29.76 8.74
CA ASP C 160 -34.02 -28.35 8.46
C ASP C 160 -32.99 -27.79 7.47
N ARG C 161 -31.72 -28.13 7.68
CA ARG C 161 -30.63 -27.69 6.80
C ARG C 161 -30.86 -28.20 5.37
N VAL C 162 -31.27 -29.46 5.25
CA VAL C 162 -31.56 -30.04 3.94
C VAL C 162 -32.70 -29.27 3.29
N ASN C 163 -33.73 -28.92 4.07
CA ASN C 163 -34.83 -28.15 3.48
C ASN C 163 -34.32 -26.79 3.02
N ASP C 164 -33.37 -26.21 3.75
CA ASP C 164 -32.80 -24.92 3.36
C ASP C 164 -32.02 -25.11 2.06
N VAL C 165 -31.22 -26.18 1.99
CA VAL C 165 -30.42 -26.43 0.79
C VAL C 165 -31.31 -26.56 -0.45
N CYS C 166 -32.41 -27.31 -0.32
CA CYS C 166 -33.32 -27.48 -1.43
C CYS C 166 -34.01 -26.18 -1.83
N ALA C 167 -34.42 -25.38 -0.84
CA ALA C 167 -35.06 -24.11 -1.16
C ALA C 167 -34.09 -23.26 -1.99
N ASN C 168 -32.83 -23.28 -1.60
CA ASN C 168 -31.80 -22.54 -2.30
C ASN C 168 -31.64 -23.08 -3.73
N GLY C 169 -31.69 -24.40 -3.89
CA GLY C 169 -31.57 -24.96 -5.21
C GLY C 169 -32.73 -24.50 -6.09
N GLU C 170 -33.94 -24.47 -5.53
CA GLU C 170 -35.10 -24.03 -6.29
C GLU C 170 -34.91 -22.58 -6.69
N ASP C 171 -34.36 -21.76 -5.80
CA ASP C 171 -34.11 -20.38 -6.15
C ASP C 171 -33.09 -20.25 -7.28
N LEU C 172 -32.00 -21.01 -7.22
CA LEU C 172 -31.00 -20.95 -8.28
C LEU C 172 -31.62 -21.27 -9.63
N ILE C 173 -32.44 -22.32 -9.67
CA ILE C 173 -33.12 -22.72 -10.90
C ILE C 173 -34.07 -21.62 -11.38
N LYS C 174 -34.74 -20.98 -10.44
CA LYS C 174 -35.68 -19.89 -10.73
C LYS C 174 -34.95 -18.73 -11.39
N LYS C 175 -33.77 -18.40 -10.86
CA LYS C 175 -32.97 -17.30 -11.39
C LYS C 175 -32.48 -17.53 -12.82
N ASN C 176 -32.20 -18.78 -13.17
CA ASN C 176 -31.77 -19.12 -14.53
C ASN C 176 -31.63 -20.63 -14.75
N ASN C 177 -31.45 -21.00 -16.01
CA ASN C 177 -31.34 -22.41 -16.40
C ASN C 177 -29.97 -23.07 -16.22
N HIS C 178 -29.06 -22.40 -15.54
CA HIS C 178 -27.73 -22.99 -15.38
C HIS C 178 -27.67 -24.18 -14.42
N HIS C 179 -27.09 -25.28 -14.91
CA HIS C 179 -26.96 -26.50 -14.13
C HIS C 179 -28.28 -27.02 -13.58
N VAL C 180 -29.40 -26.72 -14.26
CA VAL C 180 -30.70 -27.18 -13.74
C VAL C 180 -30.80 -28.68 -13.52
N GLU C 181 -30.30 -29.46 -14.47
CA GLU C 181 -30.36 -30.91 -14.35
C GLU C 181 -29.62 -31.39 -13.09
N ASN C 182 -28.40 -30.89 -12.91
CA ASN C 182 -27.58 -31.27 -11.76
C ASN C 182 -28.21 -30.79 -10.44
N ILE C 183 -28.71 -29.57 -10.41
CA ILE C 183 -29.33 -29.05 -9.19
C ILE C 183 -30.59 -29.86 -8.84
N THR C 184 -31.39 -30.16 -9.86
CA THR C 184 -32.63 -30.93 -9.68
C THR C 184 -32.34 -32.31 -9.14
N ALA C 185 -31.37 -32.99 -9.76
CA ALA C 185 -31.02 -34.33 -9.33
C ALA C 185 -30.41 -34.34 -7.93
N LYS C 186 -29.59 -33.34 -7.59
CA LYS C 186 -29.00 -33.31 -6.26
C LYS C 186 -30.03 -33.10 -5.17
N MET C 187 -31.05 -32.28 -5.45
CA MET C 187 -32.11 -32.06 -4.46
C MET C 187 -32.92 -33.36 -4.24
N LYS C 188 -33.24 -34.03 -5.34
CA LYS C 188 -33.99 -35.28 -5.28
C LYS C 188 -33.18 -36.33 -4.48
N GLY C 189 -31.89 -36.45 -4.79
CA GLY C 189 -31.03 -37.42 -4.12
C GLY C 189 -30.87 -37.12 -2.64
N LEU C 190 -30.77 -35.86 -2.31
CA LEU C 190 -30.60 -35.47 -0.91
C LEU C 190 -31.86 -35.80 -0.12
N LYS C 191 -33.03 -35.53 -0.69
CA LYS C 191 -34.29 -35.83 0.00
C LYS C 191 -34.44 -37.33 0.17
N GLY C 192 -33.96 -38.07 -0.81
CA GLY C 192 -34.02 -39.52 -0.79
C GLY C 192 -33.15 -40.07 0.33
N LYS C 193 -31.97 -39.46 0.51
CA LYS C 193 -31.04 -39.86 1.56
C LYS C 193 -31.65 -39.59 2.93
N VAL C 194 -32.33 -38.45 3.07
CA VAL C 194 -32.98 -38.13 4.33
C VAL C 194 -34.03 -39.20 4.63
N SER C 195 -34.84 -39.51 3.62
CA SER C 195 -35.91 -40.49 3.76
C SER C 195 -35.37 -41.86 4.17
N ASP C 196 -34.24 -42.26 3.58
CA ASP C 196 -33.62 -43.56 3.88
C ASP C 196 -33.03 -43.58 5.30
N LEU C 197 -32.49 -42.44 5.74
CA LEU C 197 -31.92 -42.39 7.07
C LEU C 197 -33.07 -42.42 8.09
N GLU C 198 -34.17 -41.75 7.77
CA GLU C 198 -35.34 -41.76 8.67
C GLU C 198 -35.81 -43.20 8.83
N LYS C 199 -35.86 -43.93 7.72
CA LYS C 199 -36.30 -45.31 7.76
C LYS C 199 -35.30 -46.17 8.56
N ALA C 200 -34.01 -46.03 8.30
CA ALA C 200 -33.03 -46.82 9.03
C ALA C 200 -32.99 -46.45 10.53
N ALA C 201 -33.11 -45.16 10.83
CA ALA C 201 -33.10 -44.69 12.23
C ALA C 201 -34.29 -45.28 13.00
N ALA C 202 -35.44 -45.33 12.34
CA ALA C 202 -36.64 -45.86 12.96
C ALA C 202 -36.48 -47.34 13.30
N GLN C 203 -35.92 -48.10 12.38
CA GLN C 203 -35.72 -49.53 12.61
C GLN C 203 -34.80 -49.72 13.81
N ARG C 204 -33.72 -48.94 13.82
CA ARG C 204 -32.72 -48.97 14.87
C ARG C 204 -33.33 -48.58 16.23
N LYS C 205 -34.11 -47.51 16.24
CA LYS C 205 -34.75 -47.05 17.47
C LYS C 205 -35.71 -48.11 18.03
N ALA C 206 -36.52 -48.69 17.14
CA ALA C 206 -37.47 -49.70 17.57
C ALA C 206 -36.75 -50.89 18.20
N LYS C 207 -35.67 -51.36 17.57
CA LYS C 207 -34.90 -52.47 18.10
C LYS C 207 -34.37 -52.13 19.48
N LEU C 208 -33.90 -50.90 19.65
CA LEU C 208 -33.38 -50.45 20.93
C LEU C 208 -34.49 -50.41 21.98
N ASP C 209 -35.64 -49.82 21.64
CA ASP C 209 -36.76 -49.74 22.57
C ASP C 209 -37.26 -51.14 22.94
N GLU C 210 -37.41 -52.01 21.95
CA GLU C 210 -37.88 -53.37 22.19
C GLU C 210 -36.94 -54.14 23.09
N ASN C 211 -35.65 -53.81 23.00
CA ASN C 211 -34.66 -54.53 23.78
C ASN C 211 -34.59 -54.06 25.22
N SER C 212 -34.93 -52.81 25.47
CA SER C 212 -34.88 -52.29 26.83
C SER C 212 -36.21 -52.32 27.61
N ALA C 213 -37.30 -52.73 26.98
CA ALA C 213 -38.60 -52.74 27.66
C ALA C 213 -38.81 -53.97 28.57
#